data_8T68
#
_entry.id   8T68
#
_cell.length_a   36.149
_cell.length_b   75.528
_cell.length_c   96.807
_cell.angle_alpha   90.00
_cell.angle_beta   90.00
_cell.angle_gamma   90.00
#
_symmetry.space_group_name_H-M   'P 2 21 21'
#
loop_
_entity.id
_entity.type
_entity.pdbx_description
1 polymer 'Histone-lysine N-methyltransferase KMT5B'
2 non-polymer 'ZINC ION'
3 non-polymer S-ADENOSYLMETHIONINE
4 non-polymer 6,7-dichloro-N-[(3R)-oxolan-3-yl]-4-(pyridin-4-yl)phthalazin-1-amine
5 water water
#
_entity_poly.entity_id   1
_entity_poly.type   'polypeptide(L)'
_entity_poly.pdbx_seq_one_letter_code
;GQSRYVPSSGMSAKELCENDDLATSLVLDPYLGFQTHKMNTSAFPSRSSRHFSKSDSFSHNNPVRFRPIKGRQEELKEVI
ERFKKDEHLEKAFKCLTSGEWARHYFLNKNKMQEKLFKEHVFIYLRMFATDSGFEILPCNRYSSEQNGAKIVATKEWKRN
DKIELLVGCIAELSEIEENMLLRHGENDFSVMYSTRKNCAQLWLGPAAFINHDCRPNCKFVSTGRDTACVKALRDIEPGE
EISCYYGDGFFGENNEFCECYTCERRGTGAFKSR
;
_entity_poly.pdbx_strand_id   A
#
# COMPACT_ATOMS: atom_id res chain seq x y z
N MET A 11 -0.73 12.90 -8.04
CA MET A 11 -0.64 14.05 -7.08
C MET A 11 0.78 14.62 -7.15
N SER A 12 1.03 15.70 -6.43
CA SER A 12 2.39 16.07 -5.96
C SER A 12 2.88 14.95 -5.03
N ALA A 13 4.19 14.68 -5.01
CA ALA A 13 4.80 13.72 -4.09
C ALA A 13 4.46 14.15 -2.65
N LYS A 14 4.44 15.46 -2.37
CA LYS A 14 4.12 16.01 -1.03
C LYS A 14 2.70 15.60 -0.62
N GLU A 15 1.76 15.66 -1.55
CA GLU A 15 0.32 15.45 -1.23
C GLU A 15 0.10 13.95 -1.08
N LEU A 16 0.72 13.13 -1.92
CA LEU A 16 0.65 11.66 -1.83
C LEU A 16 1.14 11.18 -0.45
N CYS A 17 2.33 11.60 0.00
CA CYS A 17 2.87 11.25 1.34
C CYS A 17 1.88 11.60 2.43
N GLU A 18 1.42 12.86 2.47
CA GLU A 18 0.47 13.35 3.52
C GLU A 18 -0.81 12.51 3.47
N ASN A 19 -1.34 12.27 2.28
CA ASN A 19 -2.68 11.64 2.12
C ASN A 19 -2.57 10.15 2.44
N ASP A 20 -1.47 9.49 2.05
CA ASP A 20 -1.26 8.06 2.35
C ASP A 20 -1.11 7.87 3.87
N ASP A 21 -0.28 8.69 4.52
CA ASP A 21 -0.03 8.62 5.97
C ASP A 21 -1.35 8.80 6.73
N LEU A 22 -2.13 9.80 6.39
CA LEU A 22 -3.42 10.03 7.08
C LEU A 22 -4.41 8.89 6.75
N ALA A 23 -4.49 8.45 5.49
CA ALA A 23 -5.45 7.40 5.09
C ALA A 23 -5.16 6.09 5.82
N THR A 24 -3.89 5.64 5.87
CA THR A 24 -3.51 4.34 6.48
C THR A 24 -3.68 4.43 8.00
N SER A 25 -3.51 5.62 8.58
CA SER A 25 -3.66 5.86 10.04
C SER A 25 -5.13 5.73 10.44
N LEU A 26 -6.06 5.93 9.50
CA LEU A 26 -7.53 5.92 9.79
C LEU A 26 -8.13 4.56 9.43
N VAL A 27 -7.64 3.93 8.36
CA VAL A 27 -8.26 2.73 7.73
C VAL A 27 -7.46 1.49 8.12
N LEU A 28 -6.13 1.48 7.93
CA LEU A 28 -5.29 0.26 8.10
C LEU A 28 -4.88 0.08 9.58
N ASP A 29 -4.40 1.13 10.22
CA ASP A 29 -3.75 1.04 11.55
C ASP A 29 -4.75 0.58 12.61
N PRO A 30 -5.93 1.18 12.79
CA PRO A 30 -6.90 0.66 13.75
C PRO A 30 -7.25 -0.82 13.49
N TYR A 31 -7.46 -1.18 12.23
CA TYR A 31 -7.88 -2.54 11.81
C TYR A 31 -6.78 -3.54 12.16
N LEU A 32 -5.50 -3.21 11.96
CA LEU A 32 -4.37 -4.15 12.20
C LEU A 32 -3.91 -4.06 13.66
N GLY A 33 -4.12 -2.94 14.34
CA GLY A 33 -3.67 -2.73 15.74
C GLY A 33 -2.19 -2.34 15.82
N PHE A 34 -1.58 -1.95 14.71
CA PHE A 34 -0.20 -1.40 14.69
C PHE A 34 -0.07 -0.36 13.58
N GLN A 35 0.95 0.49 13.66
CA GLN A 35 1.22 1.54 12.65
C GLN A 35 1.94 0.92 11.45
N THR A 36 1.24 0.79 10.32
CA THR A 36 1.82 0.44 8.99
C THR A 36 2.86 1.48 8.56
N HIS A 37 3.53 1.23 7.44
CA HIS A 37 4.59 2.13 6.90
C HIS A 37 4.01 3.55 6.73
N LYS A 38 4.81 4.55 7.07
CA LYS A 38 4.49 6.00 6.96
C LYS A 38 5.65 6.68 6.23
N MET A 39 5.41 7.78 5.54
CA MET A 39 6.49 8.54 4.87
C MET A 39 7.10 9.54 5.86
N ASN A 40 6.30 10.09 6.78
CA ASN A 40 6.65 11.09 7.83
C ASN A 40 7.45 12.25 7.24
N THR A 41 6.94 12.87 6.18
CA THR A 41 7.65 13.91 5.39
C THR A 41 7.31 15.34 5.86
N SER A 42 6.57 15.53 6.96
CA SER A 42 6.26 16.88 7.49
C SER A 42 7.47 17.45 8.24
N LYS A 70 -7.04 2.62 23.00
CA LYS A 70 -7.98 3.70 22.56
C LYS A 70 -9.38 3.11 22.36
N GLY A 71 -10.39 3.72 22.99
CA GLY A 71 -11.78 3.67 22.51
C GLY A 71 -11.80 3.98 21.02
N ARG A 72 -11.07 5.02 20.63
CA ARG A 72 -11.07 5.59 19.26
C ARG A 72 -10.63 4.53 18.25
N GLN A 73 -9.51 3.83 18.50
CA GLN A 73 -8.99 2.75 17.59
C GLN A 73 -10.08 1.70 17.37
N GLU A 74 -10.81 1.32 18.41
CA GLU A 74 -11.89 0.30 18.31
C GLU A 74 -13.05 0.88 17.49
N GLU A 75 -13.35 2.17 17.66
CA GLU A 75 -14.45 2.84 16.92
C GLU A 75 -14.08 2.92 15.43
N LEU A 76 -12.86 3.31 15.11
CA LEU A 76 -12.39 3.39 13.69
C LEU A 76 -12.42 1.97 13.08
N LYS A 77 -12.09 0.94 13.86
CA LYS A 77 -12.20 -0.47 13.38
C LYS A 77 -13.66 -0.76 13.02
N GLU A 78 -14.62 -0.27 13.81
CA GLU A 78 -16.05 -0.62 13.62
C GLU A 78 -16.55 0.05 12.34
N VAL A 79 -16.06 1.25 12.02
CA VAL A 79 -16.42 1.97 10.77
C VAL A 79 -16.11 1.06 9.59
N ILE A 80 -14.92 0.48 9.57
CA ILE A 80 -14.48 -0.50 8.52
C ILE A 80 -15.42 -1.72 8.56
N GLU A 81 -15.72 -2.25 9.75
CA GLU A 81 -16.64 -3.43 9.90
C GLU A 81 -18.01 -3.08 9.31
N ARG A 82 -18.55 -1.87 9.54
CA ARG A 82 -19.84 -1.45 8.94
C ARG A 82 -19.69 -1.32 7.41
N PHE A 83 -18.55 -0.81 6.95
CA PHE A 83 -18.31 -0.63 5.50
C PHE A 83 -18.35 -1.99 4.80
N LYS A 84 -17.82 -3.03 5.44
CA LYS A 84 -17.83 -4.41 4.89
C LYS A 84 -19.28 -4.82 4.62
N LYS A 85 -20.23 -4.33 5.43
CA LYS A 85 -21.67 -4.66 5.29
C LYS A 85 -22.36 -3.73 4.28
N ASP A 86 -22.28 -2.40 4.43
CA ASP A 86 -23.13 -1.46 3.65
C ASP A 86 -22.41 -0.88 2.41
N GLU A 87 -21.11 -1.17 2.24
CA GLU A 87 -20.26 -0.67 1.09
C GLU A 87 -20.50 0.84 0.83
N HIS A 88 -20.87 1.62 1.85
CA HIS A 88 -21.15 3.07 1.69
C HIS A 88 -19.87 3.88 1.94
N LEU A 89 -19.23 4.34 0.86
CA LEU A 89 -17.92 5.07 0.90
C LEU A 89 -18.10 6.42 1.60
N GLU A 90 -19.13 7.17 1.24
CA GLU A 90 -19.35 8.56 1.74
C GLU A 90 -19.59 8.50 3.26
N LYS A 91 -20.37 7.52 3.71
CA LYS A 91 -20.70 7.31 5.15
C LYS A 91 -19.42 6.98 5.91
N ALA A 92 -18.64 6.01 5.42
CA ALA A 92 -17.37 5.59 6.04
C ALA A 92 -16.45 6.80 6.16
N PHE A 93 -16.27 7.53 5.05
CA PHE A 93 -15.35 8.70 5.02
C PHE A 93 -15.81 9.72 6.08
N LYS A 94 -17.11 9.98 6.15
CA LYS A 94 -17.65 10.93 7.16
C LYS A 94 -17.32 10.42 8.56
N CYS A 95 -17.45 9.12 8.79
CA CYS A 95 -17.22 8.53 10.14
C CYS A 95 -15.73 8.61 10.50
N LEU A 96 -14.84 8.26 9.56
CA LEU A 96 -13.37 8.26 9.76
C LEU A 96 -12.87 9.67 10.11
N THR A 97 -13.49 10.72 9.58
CA THR A 97 -13.04 12.13 9.78
C THR A 97 -14.03 12.86 10.70
N SER A 98 -14.71 12.12 11.57
CA SER A 98 -15.40 12.65 12.76
C SER A 98 -14.33 13.17 13.74
N GLY A 99 -14.59 14.31 14.37
CA GLY A 99 -13.76 14.81 15.48
C GLY A 99 -13.22 16.22 15.22
N GLU A 100 -12.82 16.91 16.29
CA GLU A 100 -12.25 18.28 16.22
C GLU A 100 -11.01 18.27 15.32
N TRP A 101 -10.23 17.18 15.34
CA TRP A 101 -8.93 17.11 14.62
C TRP A 101 -9.19 17.41 13.14
N ALA A 102 -10.25 16.82 12.56
CA ALA A 102 -10.52 16.89 11.10
C ALA A 102 -11.05 18.27 10.72
N ARG A 103 -11.82 18.92 11.58
CA ARG A 103 -12.33 20.29 11.36
C ARG A 103 -11.11 21.23 11.31
N HIS A 104 -10.23 21.13 12.31
CA HIS A 104 -8.96 21.91 12.40
C HIS A 104 -8.05 21.63 11.19
N TYR A 105 -7.95 20.38 10.75
CA TYR A 105 -7.01 19.94 9.68
C TYR A 105 -7.51 20.44 8.32
N PHE A 106 -8.82 20.46 8.08
CA PHE A 106 -9.45 20.82 6.78
C PHE A 106 -9.55 22.35 6.62
N LEU A 107 -9.20 23.14 7.64
CA LEU A 107 -9.22 24.63 7.56
C LEU A 107 -8.17 25.11 6.56
N ASN A 108 -7.08 24.35 6.38
CA ASN A 108 -5.88 24.75 5.58
C ASN A 108 -5.94 24.09 4.21
N LYS A 109 -7.02 23.38 3.92
CA LYS A 109 -7.16 22.60 2.68
C LYS A 109 -8.23 23.26 1.82
N ASN A 110 -7.88 23.63 0.58
CA ASN A 110 -8.87 23.95 -0.46
C ASN A 110 -9.55 22.64 -0.89
N LYS A 111 -10.61 22.74 -1.68
CA LYS A 111 -11.55 21.62 -1.99
C LYS A 111 -10.87 20.62 -2.92
N MET A 112 -9.85 21.04 -3.67
CA MET A 112 -9.05 20.13 -4.53
C MET A 112 -8.29 19.15 -3.62
N GLN A 113 -7.68 19.68 -2.56
CA GLN A 113 -6.87 18.93 -1.57
C GLN A 113 -7.79 18.00 -0.78
N GLU A 114 -8.98 18.48 -0.38
CA GLU A 114 -9.99 17.65 0.33
C GLU A 114 -10.45 16.53 -0.59
N LYS A 115 -10.61 16.81 -1.88
CA LYS A 115 -11.10 15.82 -2.88
C LYS A 115 -10.01 14.76 -3.07
N LEU A 116 -8.75 15.20 -3.24
CA LEU A 116 -7.58 14.29 -3.41
C LEU A 116 -7.48 13.37 -2.18
N PHE A 117 -7.59 13.92 -0.97
CA PHE A 117 -7.55 13.13 0.29
C PHE A 117 -8.72 12.15 0.30
N LYS A 118 -9.96 12.62 0.14
CA LYS A 118 -11.16 11.73 0.12
C LYS A 118 -10.92 10.57 -0.86
N GLU A 119 -10.42 10.84 -2.05
CA GLU A 119 -10.34 9.79 -3.12
C GLU A 119 -9.30 8.73 -2.69
N HIS A 120 -8.24 9.14 -2.01
CA HIS A 120 -7.16 8.26 -1.48
C HIS A 120 -7.70 7.41 -0.30
N VAL A 121 -8.53 7.95 0.58
CA VAL A 121 -9.20 7.16 1.65
C VAL A 121 -10.07 6.10 0.94
N PHE A 122 -10.76 6.48 -0.13
CA PHE A 122 -11.69 5.57 -0.88
C PHE A 122 -10.92 4.34 -1.36
N ILE A 123 -9.71 4.51 -1.89
CA ILE A 123 -8.95 3.34 -2.40
C ILE A 123 -8.66 2.36 -1.26
N TYR A 124 -8.38 2.85 -0.05
CA TYR A 124 -8.11 1.96 1.10
C TYR A 124 -9.42 1.27 1.53
N LEU A 125 -10.53 2.00 1.62
CA LEU A 125 -11.83 1.39 2.00
C LEU A 125 -12.19 0.24 1.05
N ARG A 126 -11.94 0.41 -0.25
CA ARG A 126 -12.36 -0.58 -1.26
C ARG A 126 -11.59 -1.89 -1.08
N MET A 127 -10.43 -1.90 -0.38
CA MET A 127 -9.71 -3.20 -0.17
C MET A 127 -10.54 -4.06 0.78
N PHE A 128 -11.49 -3.45 1.51
CA PHE A 128 -12.43 -4.16 2.41
C PHE A 128 -13.79 -4.45 1.73
N ALA A 129 -13.98 -4.07 0.46
CA ALA A 129 -15.15 -4.50 -0.33
C ALA A 129 -15.18 -6.04 -0.35
N THR A 130 -16.36 -6.64 -0.17
CA THR A 130 -16.51 -8.11 0.04
C THR A 130 -15.86 -8.84 -1.15
N ASP A 131 -15.87 -8.24 -2.34
CA ASP A 131 -15.38 -8.85 -3.61
C ASP A 131 -13.95 -8.35 -3.95
N SER A 132 -13.23 -7.70 -3.03
CA SER A 132 -11.82 -7.28 -3.28
C SER A 132 -10.96 -8.51 -3.52
N GLY A 133 -11.21 -9.60 -2.77
CA GLY A 133 -10.48 -10.87 -2.86
C GLY A 133 -9.05 -10.79 -2.35
N PHE A 134 -8.72 -9.83 -1.49
CA PHE A 134 -7.41 -9.80 -0.82
C PHE A 134 -7.58 -9.16 0.55
N GLU A 135 -6.58 -9.36 1.39
CA GLU A 135 -6.54 -8.69 2.71
C GLU A 135 -5.11 -8.33 3.06
N ILE A 136 -4.96 -7.46 4.04
CA ILE A 136 -3.64 -7.05 4.59
C ILE A 136 -3.46 -7.77 5.92
N LEU A 137 -2.32 -8.43 6.08
CA LEU A 137 -1.94 -9.11 7.33
C LEU A 137 -0.56 -8.62 7.75
N PRO A 138 -0.20 -8.76 9.04
CA PRO A 138 1.12 -8.43 9.51
C PRO A 138 2.13 -9.41 8.92
N CYS A 139 3.37 -8.96 8.79
CA CYS A 139 4.48 -9.72 8.18
C CYS A 139 5.76 -9.33 8.91
N ASN A 140 6.51 -10.31 9.41
CA ASN A 140 7.71 -10.04 10.24
C ASN A 140 8.89 -10.68 9.54
N ARG A 141 8.77 -10.96 8.24
CA ARG A 141 9.80 -11.71 7.51
C ARG A 141 11.03 -10.81 7.28
N TYR A 142 10.84 -9.52 7.02
CA TYR A 142 11.87 -8.69 6.33
C TYR A 142 12.61 -7.84 7.37
N SER A 143 13.94 -7.92 7.34
CA SER A 143 14.88 -7.29 8.29
C SER A 143 15.00 -5.77 8.05
N SER A 144 14.68 -5.25 6.86
CA SER A 144 14.84 -3.81 6.55
C SER A 144 13.62 -3.00 7.02
N GLU A 145 12.70 -3.60 7.76
CA GLU A 145 11.51 -2.86 8.28
C GLU A 145 11.07 -3.44 9.63
N GLN A 146 10.37 -2.62 10.41
CA GLN A 146 9.52 -3.01 11.58
C GLN A 146 8.06 -2.74 11.20
N ASN A 147 7.11 -3.42 11.83
CA ASN A 147 5.67 -3.19 11.61
C ASN A 147 5.34 -3.50 10.15
N GLY A 148 5.96 -4.55 9.63
CA GLY A 148 5.77 -5.04 8.25
C GLY A 148 4.39 -5.62 8.05
N ALA A 149 3.92 -5.59 6.80
CA ALA A 149 2.60 -6.11 6.41
C ALA A 149 2.73 -6.77 5.02
N LYS A 150 1.71 -7.53 4.65
CA LYS A 150 1.66 -8.24 3.38
C LYS A 150 0.20 -8.28 2.91
N ILE A 151 0.03 -8.52 1.62
CA ILE A 151 -1.27 -8.76 0.95
C ILE A 151 -1.39 -10.27 0.65
N VAL A 152 -2.50 -10.85 1.08
CA VAL A 152 -2.83 -12.30 0.93
C VAL A 152 -4.20 -12.40 0.25
N ALA A 153 -4.33 -13.30 -0.69
CA ALA A 153 -5.61 -13.60 -1.38
C ALA A 153 -6.62 -14.16 -0.38
N THR A 154 -7.88 -13.76 -0.52
CA THR A 154 -9.06 -14.27 0.23
C THR A 154 -10.06 -14.94 -0.74
N LYS A 155 -9.66 -15.16 -1.99
CA LYS A 155 -10.46 -15.92 -3.00
C LYS A 155 -9.50 -16.59 -3.98
N GLU A 156 -10.03 -17.45 -4.82
CA GLU A 156 -9.26 -18.05 -5.94
C GLU A 156 -9.14 -17.00 -7.04
N TRP A 157 -7.92 -16.74 -7.49
CA TRP A 157 -7.64 -15.96 -8.73
C TRP A 157 -7.08 -16.89 -9.79
N LYS A 158 -7.39 -16.63 -11.04
CA LYS A 158 -6.86 -17.37 -12.19
C LYS A 158 -5.84 -16.49 -12.93
N ARG A 159 -4.88 -17.14 -13.56
CA ARG A 159 -3.97 -16.50 -14.56
C ARG A 159 -4.75 -15.50 -15.41
N ASN A 160 -4.28 -14.24 -15.42
CA ASN A 160 -4.73 -13.11 -16.28
C ASN A 160 -5.83 -12.33 -15.57
N ASP A 161 -6.30 -12.78 -14.42
CA ASP A 161 -7.24 -11.98 -13.60
C ASP A 161 -6.57 -10.69 -13.17
N LYS A 162 -7.29 -9.59 -13.31
CA LYS A 162 -6.91 -8.27 -12.79
C LYS A 162 -7.48 -8.17 -11.37
N ILE A 163 -6.64 -7.83 -10.39
CA ILE A 163 -7.11 -7.57 -9.00
C ILE A 163 -7.31 -6.06 -8.90
N GLU A 164 -8.50 -5.62 -9.32
CA GLU A 164 -8.81 -4.21 -9.73
C GLU A 164 -8.68 -3.27 -8.55
N LEU A 165 -8.98 -3.76 -7.36
CA LEU A 165 -8.99 -2.91 -6.15
C LEU A 165 -7.61 -2.87 -5.44
N LEU A 166 -6.68 -3.69 -5.86
CA LEU A 166 -5.30 -3.75 -5.28
C LEU A 166 -4.46 -2.71 -6.03
N VAL A 167 -4.64 -1.44 -5.69
CA VAL A 167 -4.16 -0.29 -6.51
C VAL A 167 -3.02 0.44 -5.79
N GLY A 168 -2.18 1.07 -6.60
CA GLY A 168 -1.17 2.05 -6.15
C GLY A 168 -1.26 3.32 -6.97
N CYS A 169 -0.84 4.42 -6.37
CA CYS A 169 -0.70 5.75 -7.00
C CYS A 169 0.79 6.07 -7.13
N ILE A 170 1.23 6.62 -8.29
CA ILE A 170 2.64 7.05 -8.53
C ILE A 170 2.73 8.60 -8.49
N ALA A 171 3.69 9.14 -7.74
CA ALA A 171 4.15 10.53 -7.81
C ALA A 171 5.62 10.51 -8.23
N GLU A 172 6.00 11.29 -9.22
CA GLU A 172 7.42 11.43 -9.65
C GLU A 172 8.09 12.42 -8.71
N LEU A 173 9.35 12.21 -8.39
CA LEU A 173 10.14 13.17 -7.55
C LEU A 173 11.34 13.68 -8.36
N SER A 174 11.47 15.00 -8.49
CA SER A 174 12.72 15.66 -8.95
C SER A 174 13.82 15.39 -7.91
N GLU A 175 15.06 15.72 -8.22
CA GLU A 175 16.16 15.50 -7.26
C GLU A 175 15.96 16.42 -6.05
N ILE A 176 15.35 17.60 -6.25
CA ILE A 176 15.04 18.51 -5.12
C ILE A 176 14.01 17.81 -4.22
N GLU A 177 12.97 17.26 -4.82
CA GLU A 177 11.88 16.58 -4.08
C GLU A 177 12.44 15.38 -3.31
N GLU A 178 13.40 14.62 -3.90
CA GLU A 178 14.01 13.45 -3.20
C GLU A 178 14.63 13.92 -1.88
N ASN A 179 15.38 15.02 -1.93
CA ASN A 179 16.15 15.55 -0.78
C ASN A 179 15.20 16.21 0.21
N MET A 180 14.09 16.79 -0.26
CA MET A 180 13.05 17.35 0.65
C MET A 180 12.38 16.19 1.43
N LEU A 181 11.96 15.12 0.76
CA LEU A 181 10.93 14.19 1.29
C LEU A 181 11.53 12.84 1.70
N LEU A 182 12.61 12.36 1.06
CA LEU A 182 13.11 10.96 1.25
C LEU A 182 14.28 10.92 2.23
N ARG A 183 14.31 9.90 3.09
CA ARG A 183 15.46 9.57 3.95
C ARG A 183 15.94 8.16 3.58
N HIS A 184 17.11 8.07 2.94
CA HIS A 184 17.65 6.81 2.38
C HIS A 184 17.57 5.71 3.46
N GLY A 185 16.96 4.57 3.12
CA GLY A 185 16.85 3.42 4.03
C GLY A 185 15.79 3.61 5.10
N GLU A 186 15.03 4.70 5.10
CA GLU A 186 14.00 4.96 6.14
C GLU A 186 12.61 4.89 5.49
N ASN A 187 12.27 5.87 4.63
CA ASN A 187 10.90 6.04 4.06
C ASN A 187 10.94 5.78 2.54
N ASP A 188 11.97 5.09 2.02
CA ASP A 188 12.07 4.82 0.58
C ASP A 188 11.73 3.35 0.35
N PHE A 189 10.84 2.79 1.18
CA PHE A 189 10.40 1.38 1.11
C PHE A 189 9.65 1.12 -0.22
N SER A 190 9.03 2.15 -0.81
CA SER A 190 8.24 2.00 -2.08
C SER A 190 8.67 3.04 -3.12
N VAL A 191 9.98 3.19 -3.36
CA VAL A 191 10.53 4.17 -4.32
C VAL A 191 11.40 3.44 -5.35
N MET A 192 11.24 3.75 -6.64
CA MET A 192 12.22 3.44 -7.73
C MET A 192 13.03 4.71 -7.96
N TYR A 193 14.34 4.67 -7.81
CA TYR A 193 15.21 5.87 -7.87
C TYR A 193 15.54 6.21 -9.33
N SER A 194 15.94 7.47 -9.58
CA SER A 194 16.56 7.96 -10.84
C SER A 194 16.39 6.93 -11.98
N ASN A 198 14.41 8.84 -16.71
CA ASN A 198 13.36 9.59 -15.95
C ASN A 198 13.73 9.59 -14.46
N CYS A 199 13.02 10.40 -13.66
CA CYS A 199 13.30 10.73 -12.23
C CYS A 199 12.72 9.66 -11.29
N ALA A 200 12.96 9.77 -9.98
CA ALA A 200 12.47 8.83 -8.95
C ALA A 200 10.94 8.70 -9.00
N GLN A 201 10.42 7.51 -8.68
CA GLN A 201 8.97 7.22 -8.63
C GLN A 201 8.59 6.72 -7.23
N LEU A 202 7.65 7.39 -6.60
CA LEU A 202 7.08 6.99 -5.29
C LEU A 202 5.68 6.37 -5.53
N TRP A 203 5.52 5.10 -5.14
CA TRP A 203 4.25 4.32 -5.23
C TRP A 203 3.66 4.10 -3.83
N LEU A 204 2.47 4.66 -3.56
CA LEU A 204 1.73 4.44 -2.29
C LEU A 204 0.29 4.02 -2.57
N GLY A 205 -0.33 3.39 -1.57
CA GLY A 205 -1.70 2.82 -1.64
C GLY A 205 -1.66 1.33 -1.34
N PRO A 206 -2.82 0.65 -1.42
CA PRO A 206 -2.92 -0.76 -1.03
C PRO A 206 -1.80 -1.63 -1.62
N ALA A 207 -1.51 -1.51 -2.92
CA ALA A 207 -0.49 -2.30 -3.66
C ALA A 207 0.93 -2.02 -3.16
N ALA A 208 1.20 -0.92 -2.47
CA ALA A 208 2.52 -0.61 -1.87
C ALA A 208 2.80 -1.55 -0.66
N PHE A 209 1.87 -2.47 -0.35
CA PHE A 209 1.99 -3.47 0.74
C PHE A 209 2.34 -4.85 0.16
N ILE A 210 2.45 -4.95 -1.16
CA ILE A 210 2.82 -6.20 -1.83
C ILE A 210 4.33 -6.40 -1.75
N ASN A 211 4.76 -7.59 -1.38
CA ASN A 211 6.18 -7.92 -1.22
C ASN A 211 6.71 -8.50 -2.53
N HIS A 212 8.04 -8.51 -2.64
CA HIS A 212 8.81 -9.06 -3.77
C HIS A 212 9.03 -10.56 -3.54
N ASP A 213 8.77 -11.36 -4.59
CA ASP A 213 9.25 -12.76 -4.73
C ASP A 213 9.87 -12.89 -6.11
N CYS A 214 11.01 -13.58 -6.19
CA CYS A 214 11.75 -13.81 -7.46
C CYS A 214 10.97 -14.78 -8.36
N ARG A 215 10.00 -15.53 -7.81
CA ARG A 215 8.99 -16.33 -8.59
C ARG A 215 7.58 -15.82 -8.28
N PRO A 216 7.23 -14.59 -8.68
CA PRO A 216 6.00 -13.96 -8.24
C PRO A 216 4.74 -14.63 -8.85
N ASN A 217 3.58 -14.40 -8.25
CA ASN A 217 2.28 -14.91 -8.76
C ASN A 217 1.53 -13.76 -9.42
N CYS A 218 2.00 -12.51 -9.27
CA CYS A 218 1.41 -11.34 -9.95
C CYS A 218 2.46 -10.44 -10.62
N LYS A 219 1.99 -9.59 -11.53
CA LYS A 219 2.75 -8.44 -12.07
C LYS A 219 1.92 -7.18 -11.85
N PHE A 220 2.58 -6.06 -11.72
CA PHE A 220 1.96 -4.72 -11.78
C PHE A 220 1.54 -4.44 -13.23
N VAL A 221 0.36 -3.81 -13.41
CA VAL A 221 -0.10 -3.28 -14.73
C VAL A 221 -0.65 -1.86 -14.51
N SER A 222 -0.35 -0.95 -15.44
CA SER A 222 -0.96 0.40 -15.53
C SER A 222 -2.49 0.28 -15.57
N THR A 223 -3.17 1.20 -14.90
CA THR A 223 -4.62 1.41 -15.01
C THR A 223 -4.85 2.86 -15.41
N GLY A 224 -3.82 3.51 -15.97
CA GLY A 224 -3.87 4.91 -16.40
C GLY A 224 -2.55 5.57 -16.12
N ARG A 225 -2.50 6.89 -16.15
CA ARG A 225 -1.23 7.65 -16.15
C ARG A 225 -0.63 7.65 -14.73
N ASP A 226 -1.44 7.51 -13.69
CA ASP A 226 -0.90 7.76 -12.34
C ASP A 226 -1.39 6.69 -11.37
N THR A 227 -1.89 5.58 -11.90
CA THR A 227 -2.39 4.46 -11.09
C THR A 227 -1.96 3.14 -11.74
N ALA A 228 -1.96 2.10 -10.94
CA ALA A 228 -1.68 0.72 -11.34
C ALA A 228 -2.42 -0.24 -10.39
N CYS A 229 -2.64 -1.47 -10.82
CA CYS A 229 -3.03 -2.60 -9.95
C CYS A 229 -2.15 -3.80 -10.31
N VAL A 230 -2.56 -5.00 -9.98
CA VAL A 230 -1.78 -6.21 -10.34
C VAL A 230 -2.69 -7.11 -11.16
N LYS A 231 -2.06 -8.00 -11.92
CA LYS A 231 -2.74 -9.10 -12.63
C LYS A 231 -2.00 -10.38 -12.25
N ALA A 232 -2.73 -11.47 -12.08
CA ALA A 232 -2.22 -12.81 -11.74
C ALA A 232 -1.47 -13.40 -12.92
N LEU A 233 -0.26 -13.88 -12.68
CA LEU A 233 0.59 -14.58 -13.67
C LEU A 233 0.24 -16.08 -13.68
N ARG A 234 -0.41 -16.56 -12.61
N ARG A 234 -0.40 -16.57 -12.61
CA ARG A 234 -0.83 -17.99 -12.46
CA ARG A 234 -0.86 -17.98 -12.51
C ARG A 234 -2.05 -18.06 -11.54
C ARG A 234 -1.96 -18.08 -11.42
N ASP A 235 -2.53 -19.27 -11.28
CA ASP A 235 -3.63 -19.55 -10.34
C ASP A 235 -3.13 -19.18 -8.95
N ILE A 236 -3.93 -18.43 -8.19
CA ILE A 236 -3.65 -18.10 -6.76
C ILE A 236 -4.80 -18.64 -5.91
N GLU A 237 -4.47 -19.18 -4.72
CA GLU A 237 -5.47 -19.72 -3.74
C GLU A 237 -5.60 -18.79 -2.57
N PRO A 238 -6.79 -18.80 -1.92
CA PRO A 238 -6.96 -18.16 -0.62
C PRO A 238 -5.82 -18.56 0.32
N GLY A 239 -5.22 -17.58 0.98
CA GLY A 239 -4.15 -17.82 1.96
C GLY A 239 -2.78 -17.62 1.35
N GLU A 240 -2.65 -17.70 0.03
CA GLU A 240 -1.39 -17.42 -0.73
C GLU A 240 -1.08 -15.92 -0.69
N GLU A 241 0.18 -15.55 -0.39
CA GLU A 241 0.68 -14.17 -0.56
C GLU A 241 0.64 -13.79 -2.05
N ILE A 242 0.04 -12.63 -2.34
CA ILE A 242 0.19 -11.80 -3.57
C ILE A 242 1.64 -11.29 -3.61
N SER A 243 2.41 -11.69 -4.61
CA SER A 243 3.81 -11.20 -4.80
C SER A 243 4.00 -10.64 -6.21
N CYS A 244 4.88 -9.66 -6.35
CA CYS A 244 5.35 -9.17 -7.66
C CYS A 244 6.88 -9.24 -7.71
N TYR A 245 7.44 -9.11 -8.87
CA TYR A 245 8.91 -8.94 -9.00
C TYR A 245 9.23 -7.46 -9.16
N TYR A 246 9.92 -6.84 -8.18
CA TYR A 246 10.22 -5.39 -8.17
C TYR A 246 11.18 -5.03 -9.32
N GLY A 247 12.16 -5.89 -9.59
CA GLY A 247 13.23 -5.64 -10.58
C GLY A 247 14.49 -6.44 -10.24
N ASP A 248 15.43 -6.49 -11.17
CA ASP A 248 16.63 -7.38 -11.17
C ASP A 248 17.63 -6.97 -10.09
N GLY A 249 17.76 -5.68 -9.80
CA GLY A 249 18.83 -5.20 -8.91
C GLY A 249 18.27 -4.41 -7.76
N PHE A 250 17.11 -4.83 -7.25
CA PHE A 250 16.36 -4.07 -6.23
C PHE A 250 17.00 -4.28 -4.85
N PHE A 251 17.42 -5.53 -4.52
CA PHE A 251 18.00 -5.89 -3.20
C PHE A 251 19.53 -6.10 -3.35
N GLY A 252 20.23 -5.00 -3.67
CA GLY A 252 21.63 -5.01 -4.11
C GLY A 252 21.72 -5.59 -5.51
N GLU A 253 22.95 -5.58 -6.07
CA GLU A 253 23.28 -6.19 -7.38
C GLU A 253 22.77 -7.64 -7.37
N ASN A 254 22.06 -8.03 -8.43
CA ASN A 254 21.50 -9.40 -8.66
C ASN A 254 20.65 -9.85 -7.46
N ASN A 255 20.04 -8.92 -6.71
CA ASN A 255 19.10 -9.26 -5.62
C ASN A 255 19.81 -10.18 -4.61
N GLU A 256 21.11 -9.96 -4.39
CA GLU A 256 21.94 -10.78 -3.46
C GLU A 256 21.43 -10.66 -2.02
N PHE A 257 20.69 -9.60 -1.68
CA PHE A 257 20.14 -9.36 -0.32
C PHE A 257 18.65 -9.69 -0.24
N CYS A 258 18.04 -10.24 -1.28
CA CYS A 258 16.60 -10.63 -1.28
C CYS A 258 16.30 -11.66 -0.18
N GLU A 259 15.20 -11.47 0.53
CA GLU A 259 14.80 -12.37 1.65
C GLU A 259 13.51 -13.12 1.27
N CYS A 260 13.21 -13.28 -0.03
CA CYS A 260 11.92 -13.86 -0.51
C CYS A 260 11.91 -15.40 -0.28
N TYR A 261 10.70 -15.99 -0.25
CA TYR A 261 10.48 -17.44 -0.01
C TYR A 261 11.20 -18.27 -1.06
N THR A 262 11.16 -17.86 -2.34
CA THR A 262 11.86 -18.53 -3.46
C THR A 262 13.37 -18.59 -3.18
N CYS A 263 13.98 -17.48 -2.83
CA CYS A 263 15.43 -17.41 -2.55
C CYS A 263 15.77 -18.34 -1.36
N GLU A 264 14.89 -18.41 -0.36
CA GLU A 264 15.05 -19.36 0.76
C GLU A 264 15.04 -20.79 0.23
N ARG A 265 14.06 -21.18 -0.59
CA ARG A 265 14.00 -22.54 -1.19
C ARG A 265 15.28 -22.79 -1.99
N ARG A 266 15.75 -21.81 -2.75
CA ARG A 266 16.85 -21.99 -3.75
C ARG A 266 18.22 -21.83 -3.09
N GLY A 267 18.29 -21.43 -1.81
CA GLY A 267 19.55 -21.06 -1.15
C GLY A 267 20.26 -19.94 -1.90
N THR A 268 19.53 -18.86 -2.22
CA THR A 268 20.04 -17.70 -3.00
C THR A 268 19.63 -16.43 -2.26
N GLY A 269 19.99 -15.28 -2.80
CA GLY A 269 19.84 -13.99 -2.13
C GLY A 269 20.45 -14.05 -0.73
N ALA A 270 19.70 -13.61 0.27
CA ALA A 270 20.16 -13.52 1.68
C ALA A 270 20.35 -14.91 2.29
N PHE A 271 19.93 -15.99 1.63
CA PHE A 271 19.98 -17.36 2.18
C PHE A 271 21.19 -18.13 1.63
N LYS A 272 22.12 -17.43 0.97
CA LYS A 272 23.38 -18.01 0.42
C LYS A 272 24.19 -18.68 1.54
#